data_4APC
#
_entry.id   4APC
#
_cell.length_a   89.910
_cell.length_b   92.810
_cell.length_c   163.940
_cell.angle_alpha   90.00
_cell.angle_beta   90.00
_cell.angle_gamma   90.00
#
_symmetry.space_group_name_H-M   'C 2 2 21'
#
loop_
_entity.id
_entity.type
_entity.pdbx_description
1 polymer 'SERINE/THREONINE-PROTEIN KINASE NEK1'
2 non-polymer 'CHLORIDE ION'
3 water water
#
_entity_poly.entity_id   1
_entity_poly.type   'polypeptide(L)'
_entity_poly.pdbx_seq_one_letter_code
;MHHHHHHSSGVDLGTENLYFQSMEKYVRLQKIGEGSFGKAILVKSTEDGRQYVIKEINISRMSSKEREESRREVAVLANM
KHPNIVQYRESFEENGSLYIVMDYCEGGDLFKRINAQKGVLFQEDQILDWFVQICLALKHVHDRKILHRDIKSQNIFLTK
DGTVQLGDFGIARVLNSTVELARACIGTPYYLSPEICENKPYNNKSDIWALGCVLYELCTLKHAFEAGSMKNLVLKIISG
SFPPVSLHYSYDLRSLVSQLFKRNPRDRPSVNSILEKGFIAKRIEKFLSPQLIAEEFCLKTFSKFGSQPIPAKRPASGQN
SISVMPAQKITKPAAKYGIPLAYKKYGDKK
;
_entity_poly.pdbx_strand_id   A,B
#
# COMPACT_ATOMS: atom_id res chain seq x y z
N HIS A 4 17.22 -36.62 5.96
CA HIS A 4 18.23 -35.68 6.56
C HIS A 4 19.57 -35.91 5.92
N HIS A 5 19.79 -35.28 4.77
CA HIS A 5 20.97 -35.53 3.93
C HIS A 5 21.29 -34.31 3.10
N HIS A 6 21.83 -33.26 3.71
CA HIS A 6 21.54 -31.91 3.20
C HIS A 6 22.63 -31.08 2.58
N HIS A 7 22.22 -30.37 1.54
CA HIS A 7 22.84 -29.10 1.14
C HIS A 7 21.83 -28.27 0.35
N ASP A 12 15.33 -28.17 6.04
CA ASP A 12 15.43 -29.15 7.12
C ASP A 12 14.14 -29.97 7.30
N LEU A 13 14.15 -31.26 6.94
CA LEU A 13 12.99 -32.15 7.19
C LEU A 13 12.77 -32.33 8.72
N GLY A 14 11.51 -32.44 9.14
CA GLY A 14 11.14 -32.51 10.57
C GLY A 14 11.08 -31.19 11.33
N THR A 15 11.11 -30.07 10.59
CA THR A 15 11.02 -28.73 11.18
C THR A 15 9.65 -28.10 10.96
N GLU A 16 8.74 -28.77 10.26
CA GLU A 16 7.35 -28.32 10.20
C GLU A 16 6.74 -28.41 11.61
N ASN A 17 6.10 -27.33 12.02
CA ASN A 17 5.41 -27.27 13.30
C ASN A 17 4.11 -28.07 13.23
N LEU A 18 3.91 -28.96 14.18
CA LEU A 18 2.62 -29.65 14.33
C LEU A 18 2.09 -29.38 15.73
N TYR A 19 0.90 -28.80 15.78
CA TYR A 19 0.22 -28.54 17.04
C TYR A 19 -1.28 -28.79 16.84
N PHE A 20 -1.87 -29.52 17.78
CA PHE A 20 -3.32 -29.69 17.86
C PHE A 20 -3.78 -30.08 19.27
N GLN A 21 -5.03 -29.72 19.56
CA GLN A 21 -5.67 -29.92 20.87
C GLN A 21 -6.88 -30.83 20.84
N SER A 22 -7.34 -31.20 19.64
CA SER A 22 -8.53 -32.01 19.49
C SER A 22 -8.60 -32.59 18.08
N MET A 23 -9.46 -33.60 17.90
CA MET A 23 -9.63 -34.27 16.63
C MET A 23 -10.57 -33.53 15.68
N GLU A 24 -11.28 -32.52 16.18
CA GLU A 24 -12.35 -31.91 15.41
C GLU A 24 -11.86 -31.39 14.07
N LYS A 25 -12.63 -31.68 13.03
CA LYS A 25 -12.28 -31.24 11.69
C LYS A 25 -13.23 -30.14 11.21
N TYR A 26 -12.68 -29.18 10.47
CA TYR A 26 -13.45 -28.06 9.93
C TYR A 26 -13.50 -28.05 8.40
N VAL A 27 -14.69 -27.90 7.83
CA VAL A 27 -14.85 -27.73 6.38
C VAL A 27 -14.92 -26.26 6.03
N ARG A 28 -14.05 -25.83 5.11
CA ARG A 28 -14.09 -24.47 4.57
C ARG A 28 -15.40 -24.20 3.86
N LEU A 29 -16.02 -23.06 4.12
CA LEU A 29 -17.26 -22.67 3.44
C LEU A 29 -17.03 -21.50 2.50
N GLN A 30 -16.21 -20.54 2.93
CA GLN A 30 -16.12 -19.26 2.26
C GLN A 30 -14.96 -18.45 2.82
N LYS A 31 -14.27 -17.69 1.98
CA LYS A 31 -13.35 -16.68 2.47
C LYS A 31 -14.20 -15.54 3.01
N ILE A 32 -13.78 -14.91 4.10
CA ILE A 32 -14.41 -13.67 4.55
C ILE A 32 -13.36 -12.63 4.96
N LYS A 39 -7.00 -12.75 6.42
CA LYS A 39 -6.80 -14.15 6.01
C LYS A 39 -7.79 -15.05 6.77
N ALA A 40 -9.08 -14.66 6.67
CA ALA A 40 -10.17 -15.26 7.45
C ALA A 40 -11.16 -16.11 6.64
N ILE A 41 -11.49 -17.28 7.19
CA ILE A 41 -12.33 -18.27 6.53
C ILE A 41 -13.50 -18.67 7.43
N LEU A 42 -14.72 -18.63 6.90
CA LEU A 42 -15.86 -19.20 7.58
C LEU A 42 -15.85 -20.71 7.38
N VAL A 43 -15.98 -21.47 8.46
CA VAL A 43 -15.96 -22.92 8.38
C VAL A 43 -17.11 -23.52 9.16
N LYS A 44 -17.29 -24.82 8.94
CA LYS A 44 -18.30 -25.61 9.61
C LYS A 44 -17.59 -26.83 10.19
N SER A 45 -17.94 -27.16 11.42
CA SER A 45 -17.42 -28.36 12.06
C SER A 45 -18.09 -29.60 11.51
N THR A 46 -17.29 -30.61 11.17
CA THR A 46 -17.81 -31.88 10.70
C THR A 46 -18.44 -32.65 11.85
N GLU A 47 -18.12 -32.27 13.07
CA GLU A 47 -18.69 -32.89 14.25
C GLU A 47 -20.19 -32.62 14.40
N ASP A 48 -20.59 -31.35 14.33
CA ASP A 48 -21.99 -30.98 14.61
C ASP A 48 -22.51 -29.86 13.73
N GLY A 49 -21.84 -29.58 12.62
CA GLY A 49 -22.24 -28.49 11.73
C GLY A 49 -22.16 -27.06 12.26
N ARG A 50 -21.70 -26.86 13.49
CA ARG A 50 -21.57 -25.50 14.03
C ARG A 50 -20.50 -24.72 13.25
N GLN A 51 -20.73 -23.42 13.10
CA GLN A 51 -19.85 -22.58 12.30
C GLN A 51 -18.84 -21.85 13.15
N TYR A 52 -17.67 -21.59 12.57
CA TYR A 52 -16.56 -20.92 13.25
C TYR A 52 -15.79 -20.11 12.22
N VAL A 53 -14.95 -19.21 12.70
CA VAL A 53 -14.07 -18.43 11.84
C VAL A 53 -12.64 -18.89 12.15
N ILE A 54 -11.88 -19.17 11.09
CA ILE A 54 -10.47 -19.53 11.24
C ILE A 54 -9.63 -18.48 10.55
N LYS A 55 -8.63 -17.99 11.28
CA LYS A 55 -7.68 -17.03 10.77
C LYS A 55 -6.38 -17.80 10.53
N GLU A 56 -5.91 -17.79 9.28
CA GLU A 56 -4.69 -18.47 8.91
C GLU A 56 -3.54 -17.46 8.89
N ILE A 57 -2.45 -17.79 9.57
CA ILE A 57 -1.24 -16.98 9.64
C ILE A 57 -0.06 -17.84 9.18
N ASN A 58 0.73 -17.36 8.23
CA ASN A 58 1.92 -18.12 7.82
C ASN A 58 3.02 -18.07 8.86
N ILE A 59 3.59 -19.24 9.16
CA ILE A 59 4.60 -19.37 10.19
C ILE A 59 5.98 -19.78 9.61
N SER A 60 5.98 -20.51 8.49
CA SER A 60 7.23 -21.05 7.94
C SER A 60 8.22 -19.94 7.52
N ARG A 61 7.69 -18.83 7.01
CA ARG A 61 8.54 -17.71 6.57
C ARG A 61 8.70 -16.60 7.64
N MET A 62 8.40 -16.92 8.89
CA MET A 62 8.69 -16.03 10.02
C MET A 62 10.12 -16.24 10.52
N SER A 63 10.78 -15.15 10.87
CA SER A 63 12.05 -15.20 11.59
C SER A 63 11.87 -15.81 12.98
N SER A 64 12.97 -16.15 13.64
CA SER A 64 12.92 -16.65 15.03
C SER A 64 12.23 -15.67 16.00
N LYS A 65 12.40 -14.37 15.77
CA LYS A 65 11.81 -13.33 16.63
C LYS A 65 10.31 -13.16 16.32
N GLU A 66 9.95 -13.17 15.04
CA GLU A 66 8.54 -13.05 14.66
C GLU A 66 7.75 -14.26 15.19
N ARG A 67 8.42 -15.40 15.36
CA ARG A 67 7.77 -16.61 15.86
C ARG A 67 7.57 -16.59 17.36
N GLU A 68 8.58 -16.13 18.09
CA GLU A 68 8.44 -16.01 19.54
C GLU A 68 7.35 -14.98 19.90
N GLU A 69 7.19 -13.91 19.12
CA GLU A 69 6.14 -12.93 19.39
C GLU A 69 4.75 -13.41 18.98
N SER A 70 4.67 -14.07 17.82
CA SER A 70 3.42 -14.72 17.40
C SER A 70 2.93 -15.74 18.45
N ARG A 71 3.86 -16.53 18.98
CA ARG A 71 3.56 -17.50 20.01
C ARG A 71 2.96 -16.80 21.24
N ARG A 72 3.61 -15.75 21.69
CA ARG A 72 3.16 -14.99 22.85
C ARG A 72 1.79 -14.32 22.62
N GLU A 73 1.53 -13.87 21.40
CA GLU A 73 0.23 -13.29 21.04
C GLU A 73 -0.88 -14.34 21.10
N VAL A 74 -0.62 -15.53 20.57
CA VAL A 74 -1.63 -16.60 20.55
C VAL A 74 -1.96 -17.02 21.98
N ALA A 75 -0.94 -17.18 22.82
CA ALA A 75 -1.14 -17.50 24.21
C ALA A 75 -2.07 -16.48 24.89
N VAL A 76 -1.86 -15.19 24.63
CA VAL A 76 -2.73 -14.16 25.17
C VAL A 76 -4.14 -14.30 24.63
N LEU A 77 -4.28 -14.45 23.30
CA LEU A 77 -5.58 -14.71 22.66
C LEU A 77 -6.27 -15.89 23.32
N ALA A 78 -5.50 -16.94 23.55
CA ALA A 78 -6.04 -18.21 24.03
C ALA A 78 -6.52 -18.09 25.47
N ASN A 79 -5.96 -17.16 26.24
CA ASN A 79 -6.37 -16.98 27.64
C ASN A 79 -7.42 -15.90 27.88
N MET A 80 -7.76 -15.14 26.85
CA MET A 80 -8.71 -14.05 27.00
C MET A 80 -10.10 -14.68 27.11
N LYS A 81 -10.85 -14.29 28.13
CA LYS A 81 -12.24 -14.75 28.30
C LYS A 81 -13.04 -13.60 28.87
N HIS A 82 -14.03 -13.16 28.12
CA HIS A 82 -14.92 -12.10 28.55
C HIS A 82 -16.18 -12.20 27.75
N PRO A 83 -17.33 -11.88 28.36
CA PRO A 83 -18.60 -12.05 27.59
C PRO A 83 -18.72 -11.17 26.35
N ASN A 84 -17.97 -10.06 26.30
CA ASN A 84 -17.98 -9.13 25.18
C ASN A 84 -16.70 -9.18 24.30
N ILE A 85 -16.00 -10.31 24.35
CA ILE A 85 -14.87 -10.60 23.47
C ILE A 85 -15.16 -11.94 22.76
N VAL A 86 -15.04 -11.98 21.44
CA VAL A 86 -15.27 -13.20 20.66
C VAL A 86 -14.48 -14.34 21.29
N GLN A 87 -15.16 -15.47 21.52
CA GLN A 87 -14.57 -16.60 22.23
CA GLN A 87 -14.55 -16.60 22.23
C GLN A 87 -13.61 -17.40 21.35
N TYR A 88 -12.36 -17.49 21.81
CA TYR A 88 -11.35 -18.36 21.23
C TYR A 88 -11.77 -19.81 21.46
N ARG A 89 -11.63 -20.66 20.45
CA ARG A 89 -11.98 -22.07 20.60
C ARG A 89 -10.71 -22.89 20.72
N GLU A 90 -9.87 -22.84 19.69
CA GLU A 90 -8.62 -23.60 19.70
C GLU A 90 -7.71 -23.07 18.62
N SER A 91 -6.49 -23.56 18.62
CA SER A 91 -5.62 -23.32 17.50
C SER A 91 -4.96 -24.62 17.09
N PHE A 92 -4.51 -24.68 15.84
CA PHE A 92 -3.68 -25.76 15.36
C PHE A 92 -2.62 -25.27 14.37
N GLU A 93 -1.56 -26.05 14.23
CA GLU A 93 -0.49 -25.75 13.30
C GLU A 93 -0.22 -26.98 12.44
N GLU A 94 -0.06 -26.73 11.15
CA GLU A 94 0.24 -27.75 10.17
C GLU A 94 0.61 -27.05 8.87
N ASN A 95 1.43 -27.73 8.06
CA ASN A 95 1.74 -27.26 6.70
C ASN A 95 2.33 -25.84 6.66
N GLY A 96 3.09 -25.50 7.69
CA GLY A 96 3.72 -24.20 7.77
C GLY A 96 2.81 -23.02 8.11
N SER A 97 1.57 -23.29 8.50
CA SER A 97 0.69 -22.25 8.99
C SER A 97 0.15 -22.49 10.42
N LEU A 98 -0.24 -21.39 11.03
CA LEU A 98 -0.95 -21.36 12.30
C LEU A 98 -2.38 -21.05 11.96
N TYR A 99 -3.31 -21.77 12.57
CA TYR A 99 -4.74 -21.53 12.38
C TYR A 99 -5.40 -21.30 13.73
N ILE A 100 -6.15 -20.20 13.85
CA ILE A 100 -6.82 -19.85 15.10
C ILE A 100 -8.32 -19.94 14.87
N VAL A 101 -8.99 -20.74 15.69
CA VAL A 101 -10.40 -21.03 15.53
C VAL A 101 -11.16 -20.20 16.56
N MET A 102 -12.05 -19.34 16.06
CA MET A 102 -12.84 -18.44 16.86
C MET A 102 -14.30 -18.73 16.60
N ASP A 103 -15.16 -18.38 17.57
CA ASP A 103 -16.59 -18.50 17.37
C ASP A 103 -17.02 -17.52 16.28
N TYR A 104 -18.14 -17.85 15.64
CA TYR A 104 -18.68 -17.04 14.56
C TYR A 104 -19.88 -16.32 15.13
N CYS A 105 -19.84 -15.00 15.03
CA CYS A 105 -20.90 -14.14 15.51
C CYS A 105 -21.92 -13.99 14.38
N GLU A 106 -23.05 -14.67 14.53
CA GLU A 106 -24.03 -14.77 13.44
C GLU A 106 -24.69 -13.45 13.07
N GLY A 107 -24.64 -12.46 13.94
CA GLY A 107 -25.19 -11.14 13.60
C GLY A 107 -24.33 -10.29 12.71
N GLY A 108 -23.10 -10.74 12.39
CA GLY A 108 -22.20 -9.95 11.57
C GLY A 108 -21.58 -8.75 12.29
N ASP A 109 -20.91 -7.89 11.52
CA ASP A 109 -20.14 -6.81 12.14
C ASP A 109 -20.90 -5.51 12.21
N LEU A 110 -20.41 -4.60 13.04
CA LEU A 110 -21.05 -3.31 13.24
C LEU A 110 -20.99 -2.43 11.99
N PHE A 111 -19.98 -2.64 11.14
CA PHE A 111 -19.89 -1.94 9.88
C PHE A 111 -21.13 -2.19 9.02
N LYS A 112 -21.54 -3.45 8.87
CA LYS A 112 -22.75 -3.78 8.08
C LYS A 112 -23.99 -3.29 8.78
N ARG A 113 -24.05 -3.44 10.09
CA ARG A 113 -25.18 -2.95 10.86
CA ARG A 113 -25.18 -2.95 10.86
C ARG A 113 -25.37 -1.44 10.67
N ILE A 114 -24.29 -0.69 10.66
CA ILE A 114 -24.35 0.74 10.45
C ILE A 114 -24.88 1.05 9.06
N ASN A 115 -24.36 0.38 8.03
CA ASN A 115 -24.85 0.63 6.67
C ASN A 115 -26.32 0.21 6.49
N ALA A 116 -26.76 -0.78 7.26
CA ALA A 116 -28.12 -1.27 7.19
C ALA A 116 -29.12 -0.21 7.61
N GLN A 117 -28.69 0.77 8.41
CA GLN A 117 -29.54 1.90 8.78
C GLN A 117 -30.00 2.76 7.59
N LYS A 118 -29.24 2.73 6.50
CA LYS A 118 -29.50 3.55 5.31
C LYS A 118 -29.71 5.02 5.65
N GLY A 119 -28.87 5.54 6.53
CA GLY A 119 -28.94 6.94 6.91
C GLY A 119 -29.82 7.28 8.11
N VAL A 120 -30.59 6.32 8.62
CA VAL A 120 -31.41 6.59 9.81
C VAL A 120 -30.56 6.53 11.08
N LEU A 121 -30.41 7.67 11.76
CA LEU A 121 -29.62 7.72 12.99
C LEU A 121 -30.16 6.75 14.03
N PHE A 122 -29.26 6.11 14.78
CA PHE A 122 -29.64 5.22 15.88
C PHE A 122 -30.16 6.04 17.05
N GLN A 123 -31.06 5.43 17.83
CA GLN A 123 -31.42 5.99 19.16
C GLN A 123 -30.21 5.99 20.09
N GLU A 124 -30.08 7.05 20.88
CA GLU A 124 -29.00 7.19 21.86
C GLU A 124 -28.90 6.02 22.85
N ASP A 125 -30.03 5.47 23.26
CA ASP A 125 -30.01 4.30 24.15
C ASP A 125 -29.32 3.12 23.51
N GLN A 126 -29.61 2.89 22.24
CA GLN A 126 -29.03 1.78 21.50
C GLN A 126 -27.52 1.97 21.32
N ILE A 127 -27.11 3.18 20.96
CA ILE A 127 -25.70 3.51 20.84
C ILE A 127 -24.97 3.19 22.13
N LEU A 128 -25.49 3.69 23.25
CA LEU A 128 -24.81 3.58 24.53
C LEU A 128 -24.82 2.16 25.04
N ASP A 129 -25.85 1.38 24.74
CA ASP A 129 -25.88 -0.03 25.17
C ASP A 129 -24.81 -0.85 24.44
N TRP A 130 -24.62 -0.56 23.16
CA TRP A 130 -23.54 -1.18 22.41
C TRP A 130 -22.20 -0.69 22.87
N PHE A 131 -22.08 0.62 23.01
CA PHE A 131 -20.82 1.24 23.35
C PHE A 131 -20.29 0.75 24.72
N VAL A 132 -21.20 0.60 25.70
CA VAL A 132 -20.77 0.17 27.03
CA VAL A 132 -20.80 0.17 27.03
C VAL A 132 -20.15 -1.20 26.95
N GLN A 133 -20.70 -2.08 26.10
CA GLN A 133 -20.18 -3.42 25.91
C GLN A 133 -18.78 -3.42 25.29
N ILE A 134 -18.57 -2.54 24.32
CA ILE A 134 -17.26 -2.40 23.69
C ILE A 134 -16.24 -1.94 24.75
N CYS A 135 -16.64 -0.95 25.54
CA CYS A 135 -15.82 -0.42 26.64
C CYS A 135 -15.49 -1.48 27.66
N LEU A 136 -16.45 -2.35 27.97
CA LEU A 136 -16.18 -3.43 28.95
C LEU A 136 -15.14 -4.40 28.43
N ALA A 137 -15.26 -4.73 27.15
CA ALA A 137 -14.28 -5.55 26.45
C ALA A 137 -12.88 -4.93 26.50
N LEU A 138 -12.79 -3.67 26.16
CA LEU A 138 -11.50 -2.97 26.10
C LEU A 138 -10.91 -2.76 27.50
N LYS A 139 -11.78 -2.56 28.50
CA LYS A 139 -11.31 -2.46 29.86
C LYS A 139 -10.57 -3.74 30.20
N HIS A 140 -11.18 -4.86 29.88
CA HIS A 140 -10.60 -6.14 30.21
C HIS A 140 -9.24 -6.33 29.58
N VAL A 141 -9.10 -5.89 28.32
CA VAL A 141 -7.85 -5.99 27.59
C VAL A 141 -6.82 -5.01 28.18
N HIS A 142 -7.21 -3.75 28.35
CA HIS A 142 -6.27 -2.73 28.83
C HIS A 142 -5.85 -2.92 30.26
N ASP A 143 -6.73 -3.46 31.12
CA ASP A 143 -6.35 -3.72 32.52
C ASP A 143 -5.13 -4.63 32.58
N ARG A 144 -5.02 -5.51 31.58
CA ARG A 144 -3.90 -6.47 31.53
C ARG A 144 -2.66 -5.93 30.79
N LYS A 145 -2.68 -4.64 30.48
CA LYS A 145 -1.60 -3.98 29.77
C LYS A 145 -1.45 -4.52 28.35
N ILE A 146 -2.58 -4.91 27.75
CA ILE A 146 -2.63 -5.41 26.36
C ILE A 146 -3.25 -4.32 25.51
N LEU A 147 -2.70 -4.15 24.32
CA LEU A 147 -3.20 -3.21 23.33
C LEU A 147 -4.09 -3.94 22.35
N HIS A 148 -4.90 -3.18 21.64
CA HIS A 148 -5.70 -3.75 20.58
C HIS A 148 -5.59 -2.93 19.32
N ARG A 149 -4.90 -3.48 18.32
CA ARG A 149 -4.63 -2.76 17.08
C ARG A 149 -5.84 -2.67 16.15
N ASP A 150 -6.93 -3.36 16.49
CA ASP A 150 -8.09 -3.44 15.61
C ASP A 150 -9.43 -3.10 16.26
N ILE A 151 -9.50 -1.94 16.90
CA ILE A 151 -10.76 -1.44 17.36
C ILE A 151 -11.37 -0.71 16.16
N LYS A 152 -12.25 -1.42 15.47
CA LYS A 152 -12.88 -0.93 14.25
C LYS A 152 -14.25 -1.57 14.16
N SER A 153 -15.18 -0.89 13.51
CA SER A 153 -16.52 -1.43 13.27
C SER A 153 -16.55 -2.74 12.54
N GLN A 154 -15.59 -2.93 11.63
CA GLN A 154 -15.46 -4.19 10.93
C GLN A 154 -14.98 -5.33 11.84
N ASN A 155 -14.48 -5.00 13.03
CA ASN A 155 -14.00 -6.03 13.97
C ASN A 155 -14.76 -6.06 15.30
N ILE A 156 -16.00 -5.55 15.27
CA ILE A 156 -16.89 -5.65 16.39
C ILE A 156 -18.15 -6.27 15.84
N PHE A 157 -18.67 -7.28 16.54
CA PHE A 157 -19.69 -8.18 16.03
C PHE A 157 -20.88 -8.32 16.97
N LEU A 158 -21.98 -8.81 16.39
CA LEU A 158 -23.19 -9.11 17.12
C LEU A 158 -23.39 -10.62 17.11
N THR A 159 -23.70 -11.19 18.28
CA THR A 159 -23.99 -12.62 18.37
C THR A 159 -25.46 -12.82 18.00
N LYS A 160 -25.91 -14.07 17.94
CA LYS A 160 -27.30 -14.38 17.62
C LYS A 160 -28.28 -13.70 18.56
N ASP A 161 -27.93 -13.58 19.84
CA ASP A 161 -28.86 -12.92 20.76
C ASP A 161 -28.60 -11.42 20.94
N GLY A 162 -27.83 -10.81 20.05
CA GLY A 162 -27.65 -9.35 20.04
C GLY A 162 -26.54 -8.78 20.91
N THR A 163 -25.76 -9.64 21.55
CA THR A 163 -24.63 -9.22 22.38
C THR A 163 -23.52 -8.68 21.50
N VAL A 164 -22.89 -7.58 21.92
CA VAL A 164 -21.76 -7.00 21.18
C VAL A 164 -20.48 -7.66 21.63
N GLN A 165 -19.66 -8.08 20.68
CA GLN A 165 -18.36 -8.66 20.98
C GLN A 165 -17.25 -8.04 20.18
N LEU A 166 -16.22 -7.59 20.89
CA LEU A 166 -14.97 -7.16 20.26
C LEU A 166 -14.20 -8.38 19.79
N GLY A 167 -13.79 -8.37 18.53
CA GLY A 167 -12.94 -9.42 17.99
C GLY A 167 -11.67 -9.54 18.81
N ASP A 168 -11.29 -10.79 19.09
CA ASP A 168 -10.12 -11.10 19.90
C ASP A 168 -8.89 -10.82 19.02
N PHE A 169 -9.00 -11.16 17.75
CA PHE A 169 -7.90 -10.94 16.82
C PHE A 169 -7.57 -9.46 16.66
N GLY A 170 -6.28 -9.17 16.80
CA GLY A 170 -5.81 -7.80 16.86
C GLY A 170 -5.23 -7.40 18.22
N ILE A 171 -5.49 -8.17 19.27
CA ILE A 171 -4.77 -7.88 20.51
C ILE A 171 -3.27 -8.01 20.27
N ALA A 172 -2.48 -7.23 20.98
CA ALA A 172 -1.03 -7.16 20.79
C ALA A 172 -0.34 -6.82 22.11
N ARG A 173 0.85 -7.39 22.32
CA ARG A 173 1.66 -7.09 23.49
C ARG A 173 2.51 -5.84 23.30
N VAL A 174 2.70 -5.44 22.05
CA VAL A 174 3.41 -4.21 21.69
C VAL A 174 3.18 -3.96 20.20
N LEU A 175 3.22 -2.71 19.77
CA LEU A 175 2.97 -2.37 18.38
C LEU A 175 4.01 -1.36 17.89
N ASN A 176 4.34 -1.49 16.61
CA ASN A 176 5.32 -0.65 15.94
C ASN A 176 4.52 0.36 15.16
N SER A 177 4.82 1.62 15.43
CA SER A 177 4.07 2.72 14.89
C SER A 177 4.16 2.75 13.34
N THR A 178 5.35 2.48 12.80
CA THR A 178 5.55 2.47 11.35
C THR A 178 4.74 1.35 10.69
N VAL A 179 4.81 0.15 11.26
CA VAL A 179 4.05 -0.98 10.75
C VAL A 179 2.55 -0.66 10.76
N GLU A 180 2.04 -0.07 11.84
CA GLU A 180 0.60 0.26 11.92
C GLU A 180 0.21 1.34 10.91
N LEU A 181 1.07 2.32 10.72
CA LEU A 181 0.85 3.32 9.70
C LEU A 181 0.79 2.65 8.33
N ALA A 182 1.74 1.77 8.06
CA ALA A 182 1.79 1.03 6.80
C ALA A 182 0.51 0.22 6.59
N ARG A 183 0.12 -0.56 7.60
CA ARG A 183 -1.08 -1.41 7.53
C ARG A 183 -2.30 -0.57 7.20
N ALA A 184 -2.34 0.64 7.75
CA ALA A 184 -3.47 1.54 7.56
C ALA A 184 -3.54 2.13 6.14
N CYS A 185 -2.39 2.50 5.56
CA CYS A 185 -2.35 3.03 4.17
C CYS A 185 -2.85 1.91 3.20
N ILE A 186 -2.64 0.62 3.52
CA ILE A 186 -3.10 -0.53 2.69
C ILE A 186 -4.52 -1.02 3.01
N GLY A 187 -4.85 -1.12 4.29
CA GLY A 187 -6.15 -1.66 4.72
C GLY A 187 -7.13 -0.52 4.96
N THR A 188 -7.54 -0.32 6.21
CA THR A 188 -8.41 0.79 6.56
C THR A 188 -7.63 1.88 7.28
N PRO A 189 -7.66 3.13 6.78
CA PRO A 189 -6.95 4.22 7.41
C PRO A 189 -7.76 5.07 8.40
N TYR A 190 -9.06 4.82 8.54
CA TYR A 190 -9.97 5.77 9.19
C TYR A 190 -9.84 5.84 10.73
N TYR A 191 -9.09 4.92 11.32
CA TYR A 191 -8.95 4.86 12.77
C TYR A 191 -7.58 5.32 13.26
N LEU A 192 -6.76 5.80 12.34
CA LEU A 192 -5.43 6.28 12.68
C LEU A 192 -5.50 7.44 13.67
N SER A 193 -4.73 7.32 14.75
CA SER A 193 -4.61 8.36 15.74
C SER A 193 -3.51 9.36 15.32
N PRO A 194 -3.59 10.61 15.81
CA PRO A 194 -2.61 11.63 15.47
C PRO A 194 -1.18 11.13 15.70
N GLU A 195 -0.95 10.49 16.83
CA GLU A 195 0.40 10.04 17.18
C GLU A 195 0.98 9.07 16.16
N ILE A 196 0.16 8.16 15.64
CA ILE A 196 0.64 7.20 14.66
C ILE A 196 0.88 7.92 13.34
N CYS A 197 0.04 8.90 13.00
CA CYS A 197 0.26 9.75 11.83
C CYS A 197 1.58 10.50 11.89
N GLU A 198 2.04 10.83 13.09
CA GLU A 198 3.33 11.53 13.25
C GLU A 198 4.42 10.55 13.62
N ASN A 199 4.17 9.27 13.43
CA ASN A 199 5.15 8.24 13.74
C ASN A 199 5.67 8.25 15.18
N LYS A 200 4.80 8.60 16.13
CA LYS A 200 5.12 8.54 17.56
C LYS A 200 4.62 7.22 18.14
N PRO A 201 4.98 6.90 19.41
CA PRO A 201 4.69 5.55 19.87
C PRO A 201 3.21 5.25 20.01
N TYR A 202 2.85 4.02 19.65
CA TYR A 202 1.51 3.50 19.86
C TYR A 202 1.32 3.25 21.36
N ASN A 203 0.17 3.66 21.88
CA ASN A 203 -0.09 3.48 23.30
C ASN A 203 -1.57 3.19 23.57
N ASN A 204 -1.90 2.93 24.83
CA ASN A 204 -3.27 2.62 25.19
C ASN A 204 -4.27 3.68 24.73
N LYS A 205 -3.87 4.94 24.74
CA LYS A 205 -4.76 6.02 24.33
C LYS A 205 -4.93 6.07 22.81
N SER A 206 -4.02 5.46 22.05
CA SER A 206 -4.25 5.28 20.61
C SER A 206 -5.47 4.39 20.44
N ASP A 207 -5.62 3.38 21.30
CA ASP A 207 -6.82 2.54 21.28
C ASP A 207 -8.09 3.37 21.59
N ILE A 208 -7.95 4.33 22.47
CA ILE A 208 -9.10 5.16 22.88
C ILE A 208 -9.53 6.02 21.72
N TRP A 209 -8.57 6.53 20.96
CA TRP A 209 -8.91 7.25 19.73
C TRP A 209 -9.73 6.40 18.81
N ALA A 210 -9.27 5.18 18.60
CA ALA A 210 -9.97 4.28 17.72
C ALA A 210 -11.37 4.00 18.24
N LEU A 211 -11.50 3.86 19.56
CA LEU A 211 -12.79 3.68 20.20
C LEU A 211 -13.71 4.87 19.92
N GLY A 212 -13.14 6.07 19.96
CA GLY A 212 -13.84 7.27 19.60
C GLY A 212 -14.37 7.27 18.18
N CYS A 213 -13.54 6.78 17.25
CA CYS A 213 -13.94 6.68 15.85
C CYS A 213 -15.15 5.79 15.73
N VAL A 214 -15.16 4.69 16.50
CA VAL A 214 -16.29 3.78 16.45
C VAL A 214 -17.57 4.42 17.00
N LEU A 215 -17.45 5.12 18.13
CA LEU A 215 -18.59 5.83 18.72
C LEU A 215 -19.13 6.86 17.74
N TYR A 216 -18.20 7.59 17.10
CA TYR A 216 -18.59 8.55 16.09
C TYR A 216 -19.35 7.91 14.93
N GLU A 217 -18.87 6.76 14.48
CA GLU A 217 -19.60 6.00 13.46
C GLU A 217 -21.01 5.63 13.90
N LEU A 218 -21.17 5.23 15.16
CA LEU A 218 -22.48 4.86 15.67
C LEU A 218 -23.40 6.10 15.81
N CYS A 219 -22.78 7.25 16.08
CA CYS A 219 -23.53 8.49 16.21
C CYS A 219 -23.96 9.13 14.90
N THR A 220 -23.17 8.94 13.84
CA THR A 220 -23.37 9.64 12.56
C THR A 220 -23.52 8.74 11.36
N LEU A 221 -23.24 7.46 11.51
CA LEU A 221 -23.18 6.51 10.39
C LEU A 221 -22.07 6.79 9.37
N LYS A 222 -21.15 7.71 9.69
CA LYS A 222 -20.03 8.03 8.79
C LYS A 222 -18.73 7.96 9.58
N HIS A 223 -17.59 7.91 8.87
CA HIS A 223 -16.28 8.07 9.53
C HIS A 223 -16.09 9.52 9.87
N ALA A 224 -15.37 9.77 10.96
CA ALA A 224 -15.10 11.12 11.42
C ALA A 224 -14.09 11.85 10.54
N PHE A 225 -13.08 11.11 10.08
CA PHE A 225 -11.99 11.68 9.30
C PHE A 225 -11.97 11.05 7.91
N GLU A 226 -12.20 11.87 6.89
CA GLU A 226 -12.16 11.46 5.50
C GLU A 226 -11.45 12.54 4.69
N ALA A 227 -10.82 12.13 3.58
CA ALA A 227 -10.11 13.07 2.71
C ALA A 227 -9.79 12.43 1.37
N GLY A 228 -9.47 13.28 0.37
CA GLY A 228 -9.26 12.82 -1.00
C GLY A 228 -7.91 12.16 -1.24
N SER A 229 -7.01 12.26 -0.28
CA SER A 229 -5.72 11.57 -0.36
C SER A 229 -5.25 11.11 1.01
N MET A 230 -4.51 10.01 1.02
CA MET A 230 -3.93 9.44 2.23
C MET A 230 -3.10 10.46 2.98
N LYS A 231 -2.33 11.26 2.24
CA LYS A 231 -1.49 12.29 2.87
C LYS A 231 -2.34 13.39 3.51
N ASN A 232 -3.46 13.76 2.90
CA ASN A 232 -4.32 14.79 3.47
C ASN A 232 -5.29 14.28 4.55
N LEU A 233 -5.60 12.98 4.52
CA LEU A 233 -6.32 12.37 5.63
C LEU A 233 -5.44 12.50 6.88
N VAL A 234 -4.17 12.12 6.75
CA VAL A 234 -3.21 12.27 7.85
C VAL A 234 -3.22 13.68 8.43
N LEU A 235 -3.21 14.69 7.57
CA LEU A 235 -3.18 16.07 8.04
C LEU A 235 -4.48 16.48 8.74
N LYS A 236 -5.60 15.96 8.27
CA LYS A 236 -6.91 16.22 8.89
C LYS A 236 -7.05 15.57 10.28
N ILE A 237 -6.48 14.37 10.42
CA ILE A 237 -6.46 13.67 11.71
C ILE A 237 -5.61 14.41 12.71
N ILE A 238 -4.42 14.81 12.28
CA ILE A 238 -3.53 15.59 13.13
C ILE A 238 -4.21 16.88 13.60
N SER A 239 -4.96 17.53 12.70
CA SER A 239 -5.63 18.79 13.03
C SER A 239 -6.75 18.59 14.04
N GLY A 240 -7.30 17.37 14.07
CA GLY A 240 -8.34 17.02 15.03
C GLY A 240 -9.69 17.60 14.68
N SER A 241 -9.85 18.02 13.42
CA SER A 241 -11.06 18.70 12.97
C SER A 241 -12.01 17.76 12.25
N PHE A 242 -13.23 17.61 12.78
CA PHE A 242 -14.23 16.66 12.25
C PHE A 242 -15.66 17.24 12.32
N PRO A 243 -16.56 16.76 11.44
CA PRO A 243 -17.95 17.21 11.43
C PRO A 243 -18.71 16.86 12.71
N PRO A 244 -19.32 17.87 13.37
CA PRO A 244 -19.96 17.65 14.67
C PRO A 244 -21.07 16.61 14.65
N VAL A 245 -21.25 15.92 15.77
CA VAL A 245 -22.35 14.99 15.96
C VAL A 245 -23.67 15.75 16.11
N SER A 246 -24.77 15.17 15.68
CA SER A 246 -26.07 15.81 15.78
C SER A 246 -26.32 16.32 17.20
N LEU A 247 -26.76 17.57 17.31
CA LEU A 247 -27.09 18.19 18.60
C LEU A 247 -28.35 17.56 19.24
N HIS A 248 -29.06 16.73 18.48
CA HIS A 248 -30.08 15.85 19.03
C HIS A 248 -29.57 14.90 20.09
N TYR A 249 -28.28 14.55 20.08
CA TYR A 249 -27.73 13.66 21.12
C TYR A 249 -27.41 14.48 22.37
N SER A 250 -27.43 13.83 23.52
CA SER A 250 -27.18 14.49 24.81
C SER A 250 -25.83 15.18 24.87
N TYR A 251 -25.72 16.15 25.75
CA TYR A 251 -24.45 16.82 26.00
C TYR A 251 -23.40 15.84 26.56
N ASP A 252 -23.85 14.88 27.37
CA ASP A 252 -22.97 13.82 27.89
C ASP A 252 -22.27 13.06 26.75
N LEU A 253 -23.06 12.65 25.76
CA LEU A 253 -22.53 11.88 24.64
C LEU A 253 -21.65 12.73 23.71
N ARG A 254 -22.12 13.92 23.36
CA ARG A 254 -21.33 14.79 22.49
C ARG A 254 -20.04 15.16 23.17
N SER A 255 -20.12 15.45 24.46
CA SER A 255 -18.95 15.78 25.25
C SER A 255 -17.91 14.63 25.26
N LEU A 256 -18.39 13.40 25.38
CA LEU A 256 -17.51 12.22 25.38
C LEU A 256 -16.76 12.10 24.06
N VAL A 257 -17.50 12.25 22.94
CA VAL A 257 -16.91 12.19 21.60
C VAL A 257 -15.72 13.13 21.49
N SER A 258 -15.90 14.36 21.97
CA SER A 258 -14.85 15.37 21.90
C SER A 258 -13.66 15.02 22.76
N GLN A 259 -13.91 14.37 23.91
CA GLN A 259 -12.82 13.96 24.80
C GLN A 259 -11.97 12.86 24.15
N LEU A 260 -12.63 11.93 23.48
CA LEU A 260 -11.96 10.81 22.84
C LEU A 260 -11.09 11.24 21.65
N PHE A 261 -11.44 12.38 21.03
CA PHE A 261 -10.64 12.94 19.93
C PHE A 261 -9.72 14.07 20.36
N LYS A 262 -9.32 14.13 21.62
CA LYS A 262 -8.25 15.05 21.99
C LYS A 262 -6.95 14.65 21.25
N ARG A 263 -6.25 15.66 20.75
CA ARG A 263 -5.05 15.44 19.96
C ARG A 263 -3.91 14.75 20.71
N ASN A 264 -3.70 15.12 21.98
CA ASN A 264 -2.65 14.52 22.79
C ASN A 264 -3.19 13.28 23.50
N PRO A 265 -2.56 12.12 23.28
CA PRO A 265 -3.09 10.89 23.86
C PRO A 265 -3.38 10.97 25.35
N ARG A 266 -2.51 11.59 26.13
CA ARG A 266 -2.69 11.65 27.56
C ARG A 266 -3.85 12.56 28.00
N ASP A 267 -4.40 13.35 27.08
CA ASP A 267 -5.62 14.12 27.37
C ASP A 267 -6.89 13.32 27.12
N ARG A 268 -6.78 12.15 26.51
CA ARG A 268 -7.96 11.36 26.27
C ARG A 268 -8.25 10.59 27.54
N PRO A 269 -9.54 10.38 27.86
CA PRO A 269 -9.85 9.62 29.07
C PRO A 269 -9.48 8.14 28.95
N SER A 270 -9.16 7.53 30.08
CA SER A 270 -8.94 6.08 30.09
C SER A 270 -10.28 5.41 29.94
N VAL A 271 -10.26 4.12 29.61
CA VAL A 271 -11.50 3.39 29.45
C VAL A 271 -12.21 3.27 30.82
N ASN A 272 -11.46 3.12 31.91
CA ASN A 272 -12.06 3.16 33.27
C ASN A 272 -12.80 4.44 33.49
N SER A 273 -12.18 5.53 33.08
CA SER A 273 -12.76 6.83 33.25
C SER A 273 -14.03 7.00 32.43
N ILE A 274 -14.08 6.45 31.21
CA ILE A 274 -15.29 6.48 30.42
C ILE A 274 -16.43 5.75 31.12
N LEU A 275 -16.10 4.58 31.68
CA LEU A 275 -17.10 3.70 32.30
C LEU A 275 -17.65 4.25 33.62
N GLU A 276 -16.87 5.09 34.31
CA GLU A 276 -17.32 5.75 35.53
C GLU A 276 -18.25 6.93 35.27
N LYS A 277 -18.37 7.39 34.02
CA LYS A 277 -19.33 8.45 33.71
C LYS A 277 -20.75 7.92 33.93
N GLY A 278 -21.56 8.68 34.67
CA GLY A 278 -22.89 8.23 35.13
C GLY A 278 -23.81 7.70 34.06
N PHE A 279 -23.94 8.43 32.96
CA PHE A 279 -24.83 8.00 31.86
C PHE A 279 -24.42 6.65 31.21
N ILE A 280 -23.19 6.21 31.46
CA ILE A 280 -22.68 4.94 30.95
C ILE A 280 -22.62 3.92 32.07
N ALA A 281 -22.09 4.34 33.24
CA ALA A 281 -22.01 3.49 34.44
C ALA A 281 -23.33 2.79 34.77
N LYS A 282 -24.44 3.52 34.65
CA LYS A 282 -25.76 2.96 35.00
C LYS A 282 -26.17 1.77 34.11
N ARG A 283 -25.47 1.57 33.00
CA ARG A 283 -25.79 0.48 32.08
C ARG A 283 -25.01 -0.80 32.33
N ILE A 284 -23.92 -0.72 33.09
CA ILE A 284 -22.99 -1.85 33.21
C ILE A 284 -23.69 -3.10 33.76
N GLU A 285 -24.57 -2.91 34.73
CA GLU A 285 -25.25 -4.02 35.39
C GLU A 285 -26.17 -4.83 34.47
N LYS A 286 -26.60 -4.24 33.36
CA LYS A 286 -27.31 -5.01 32.31
C LYS A 286 -26.43 -6.06 31.66
N PHE A 287 -25.10 -5.94 31.76
CA PHE A 287 -24.20 -6.77 30.96
C PHE A 287 -23.24 -7.62 31.74
N LEU A 288 -22.95 -7.25 32.98
CA LEU A 288 -22.13 -8.06 33.86
C LEU A 288 -22.90 -8.38 35.14
N SER A 289 -22.68 -9.60 35.63
CA SER A 289 -23.14 -10.02 36.96
C SER A 289 -22.39 -9.25 38.06
N PRO A 290 -22.97 -9.20 39.28
CA PRO A 290 -22.27 -8.63 40.42
C PRO A 290 -20.86 -9.20 40.63
N GLN A 291 -20.69 -10.51 40.50
CA GLN A 291 -19.35 -11.09 40.67
C GLN A 291 -18.33 -10.56 39.66
N LEU A 292 -18.71 -10.48 38.40
CA LEU A 292 -17.81 -9.96 37.37
C LEU A 292 -17.54 -8.47 37.57
N ILE A 293 -18.56 -7.71 37.96
CA ILE A 293 -18.38 -6.29 38.27
C ILE A 293 -17.36 -6.11 39.39
N ALA A 294 -17.51 -6.88 40.47
CA ALA A 294 -16.55 -6.82 41.58
C ALA A 294 -15.13 -7.19 41.13
N GLU A 295 -15.01 -8.26 40.37
CA GLU A 295 -13.70 -8.69 39.83
C GLU A 295 -13.08 -7.67 38.85
N GLU A 296 -13.86 -7.24 37.87
CA GLU A 296 -13.33 -6.34 36.84
C GLU A 296 -12.99 -4.96 37.40
N PHE A 297 -13.84 -4.42 38.27
CA PHE A 297 -13.71 -3.02 38.68
C PHE A 297 -13.05 -2.82 40.02
N CYS A 298 -13.09 -3.81 40.89
CA CYS A 298 -12.70 -3.59 42.29
C CYS A 298 -11.55 -4.45 42.75
N LEU A 299 -11.55 -5.74 42.39
CA LEU A 299 -10.68 -6.72 43.03
C LEU A 299 -9.43 -7.09 42.24
N LYS A 300 -9.58 -7.47 40.97
CA LYS A 300 -8.43 -7.97 40.22
C LYS A 300 -7.56 -6.83 39.69
N THR A 301 -6.31 -6.77 40.17
CA THR A 301 -5.40 -5.69 39.84
C THR A 301 -4.23 -6.22 38.99
N PHE A 302 -3.78 -5.40 38.07
CA PHE A 302 -2.64 -5.74 37.24
C PHE A 302 -1.70 -4.54 37.26
N SER A 303 -0.45 -4.79 36.96
CA SER A 303 0.55 -3.73 36.98
C SER A 303 1.62 -4.03 35.95
N LYS A 304 2.30 -2.99 35.51
CA LYS A 304 3.52 -3.16 34.68
C LYS A 304 4.68 -3.72 35.50
N PHE A 305 4.52 -3.79 36.82
CA PHE A 305 5.35 -4.64 37.68
C PHE A 305 4.74 -6.02 37.90
N GLY A 306 5.56 -7.05 37.83
CA GLY A 306 5.14 -8.42 38.16
C GLY A 306 5.49 -8.76 39.60
N MET B 1 49.02 25.40 -24.71
CA MET B 1 48.72 26.70 -25.37
C MET B 1 48.06 26.44 -26.75
N HIS B 2 47.74 27.53 -27.46
CA HIS B 2 46.98 27.46 -28.70
C HIS B 2 47.33 28.62 -29.59
N HIS B 3 47.44 28.35 -30.90
CA HIS B 3 47.25 29.35 -31.94
C HIS B 3 45.99 28.93 -32.66
N HIS B 4 44.85 29.06 -31.98
CA HIS B 4 43.59 28.49 -32.43
C HIS B 4 42.75 29.42 -33.26
N HIS B 5 42.09 28.81 -34.25
CA HIS B 5 40.91 29.33 -34.92
C HIS B 5 40.15 28.18 -35.57
N VAL B 11 35.86 24.30 -30.34
CA VAL B 11 36.72 23.35 -29.63
C VAL B 11 38.15 23.88 -29.46
N ASP B 12 38.42 24.50 -28.32
CA ASP B 12 39.80 24.80 -27.88
C ASP B 12 40.33 23.58 -27.11
N LEU B 13 41.65 23.49 -26.96
CA LEU B 13 42.25 22.45 -26.11
C LEU B 13 41.86 22.68 -24.65
N GLY B 14 41.73 21.60 -23.89
CA GLY B 14 41.40 21.68 -22.46
C GLY B 14 39.94 21.97 -22.17
N THR B 15 39.09 21.91 -23.20
CA THR B 15 37.64 22.11 -23.04
C THR B 15 36.86 20.78 -23.12
N GLU B 16 37.55 19.67 -23.35
CA GLU B 16 36.96 18.37 -23.15
C GLU B 16 36.58 18.23 -21.67
N ASN B 17 35.35 17.79 -21.42
CA ASN B 17 34.87 17.53 -20.07
C ASN B 17 35.47 16.24 -19.55
N LEU B 18 36.09 16.31 -18.38
CA LEU B 18 36.55 15.13 -17.68
C LEU B 18 35.85 15.09 -16.32
N TYR B 19 35.14 13.99 -16.09
CA TYR B 19 34.45 13.75 -14.81
C TYR B 19 34.54 12.28 -14.50
N PHE B 20 34.96 11.98 -13.27
CA PHE B 20 34.95 10.64 -12.76
C PHE B 20 34.90 10.60 -11.24
N GLN B 21 34.35 9.50 -10.72
CA GLN B 21 34.11 9.29 -9.29
C GLN B 21 34.89 8.14 -8.71
N SER B 22 35.50 7.33 -9.57
CA SER B 22 36.17 6.13 -9.16
C SER B 22 37.08 5.64 -10.28
N MET B 23 37.98 4.73 -9.94
CA MET B 23 38.92 4.18 -10.90
C MET B 23 38.32 3.03 -11.73
N GLU B 24 37.16 2.52 -11.33
CA GLU B 24 36.65 1.26 -11.88
C GLU B 24 36.56 1.31 -13.41
N LYS B 25 37.02 0.26 -14.04
CA LYS B 25 37.03 0.19 -15.50
C LYS B 25 36.00 -0.84 -15.98
N TYR B 26 35.36 -0.52 -17.10
CA TYR B 26 34.33 -1.37 -17.68
C TYR B 26 34.70 -1.85 -19.08
N VAL B 27 34.65 -3.16 -19.29
CA VAL B 27 34.91 -3.76 -20.60
C VAL B 27 33.60 -3.90 -21.36
N ARG B 28 33.56 -3.39 -22.58
CA ARG B 28 32.42 -3.56 -23.47
C ARG B 28 32.19 -5.05 -23.77
N LEU B 29 30.95 -5.49 -23.71
CA LEU B 29 30.59 -6.85 -24.12
C LEU B 29 29.77 -6.86 -25.41
N GLN B 30 28.84 -5.90 -25.53
CA GLN B 30 27.80 -5.98 -26.54
C GLN B 30 27.01 -4.67 -26.58
N LYS B 31 26.57 -4.25 -27.77
CA LYS B 31 25.53 -3.21 -27.85
C LYS B 31 24.21 -3.87 -27.47
N ILE B 32 23.35 -3.17 -26.74
CA ILE B 32 21.99 -3.66 -26.49
C ILE B 32 20.91 -2.62 -26.80
N GLY B 33 21.30 -1.43 -27.25
CA GLY B 33 20.34 -0.41 -27.70
C GLY B 33 20.90 0.47 -28.81
N LYS B 39 23.53 5.41 -27.43
CA LYS B 39 23.93 4.00 -27.49
C LYS B 39 23.86 3.35 -26.10
N ALA B 40 23.22 2.16 -25.96
CA ALA B 40 23.21 1.38 -24.71
C ALA B 40 24.10 0.12 -24.82
N ILE B 41 25.03 -0.03 -23.89
CA ILE B 41 26.07 -1.07 -23.98
C ILE B 41 26.10 -1.92 -22.72
N LEU B 42 26.09 -3.24 -22.88
CA LEU B 42 26.33 -4.14 -21.76
C LEU B 42 27.83 -4.20 -21.52
N VAL B 43 28.25 -4.02 -20.26
CA VAL B 43 29.65 -4.07 -19.90
C VAL B 43 29.88 -4.94 -18.68
N LYS B 44 31.15 -5.24 -18.44
CA LYS B 44 31.62 -6.05 -17.34
C LYS B 44 32.68 -5.21 -16.63
N SER B 45 32.61 -5.14 -15.30
CA SER B 45 33.61 -4.46 -14.51
C SER B 45 34.87 -5.32 -14.45
N THR B 46 36.03 -4.69 -14.69
CA THR B 46 37.32 -5.36 -14.56
C THR B 46 37.66 -5.61 -13.09
N GLU B 47 36.98 -4.92 -12.20
CA GLU B 47 37.20 -5.09 -10.77
C GLU B 47 36.75 -6.48 -10.29
N ASP B 48 35.52 -6.87 -10.63
CA ASP B 48 34.95 -8.11 -10.11
C ASP B 48 34.05 -8.88 -11.10
N GLY B 49 34.17 -8.60 -12.39
CA GLY B 49 33.35 -9.23 -13.40
C GLY B 49 31.86 -8.94 -13.39
N ARG B 50 31.36 -8.10 -12.46
CA ARG B 50 29.92 -7.79 -12.43
C ARG B 50 29.52 -7.01 -13.66
N GLN B 51 28.30 -7.26 -14.13
CA GLN B 51 27.82 -6.64 -15.35
C GLN B 51 27.00 -5.40 -15.06
N TYR B 52 27.04 -4.46 -16.01
CA TYR B 52 26.31 -3.20 -15.90
C TYR B 52 25.93 -2.75 -17.29
N VAL B 53 25.06 -1.76 -17.36
CA VAL B 53 24.67 -1.15 -18.59
C VAL B 53 25.16 0.29 -18.58
N ILE B 54 25.75 0.70 -19.68
CA ILE B 54 26.16 2.07 -19.82
C ILE B 54 25.42 2.71 -20.97
N LYS B 55 24.88 3.89 -20.74
CA LYS B 55 24.25 4.67 -21.76
C LYS B 55 25.20 5.82 -22.09
N GLU B 56 25.60 5.90 -23.36
CA GLU B 56 26.51 6.92 -23.83
C GLU B 56 25.72 8.03 -24.48
N ILE B 57 25.97 9.26 -24.04
CA ILE B 57 25.30 10.45 -24.56
C ILE B 57 26.36 11.44 -25.05
N ASN B 58 26.22 11.96 -26.26
CA ASN B 58 27.19 12.91 -26.76
C ASN B 58 27.04 14.26 -26.09
N ILE B 59 28.16 14.82 -25.65
CA ILE B 59 28.16 16.11 -24.97
C ILE B 59 28.81 17.21 -25.79
N SER B 60 29.81 16.86 -26.59
CA SER B 60 30.61 17.88 -27.29
C SER B 60 29.76 18.76 -28.22
N ARG B 61 28.74 18.17 -28.83
CA ARG B 61 27.86 18.91 -29.73
C ARG B 61 26.56 19.42 -29.07
N MET B 62 26.53 19.45 -27.72
CA MET B 62 25.45 20.08 -26.99
C MET B 62 25.71 21.57 -26.85
N SER B 63 24.66 22.37 -27.01
CA SER B 63 24.69 23.79 -26.69
C SER B 63 24.90 23.99 -25.19
N SER B 64 25.19 25.23 -24.78
CA SER B 64 25.31 25.56 -23.36
C SER B 64 24.03 25.22 -22.54
N LYS B 65 22.86 25.38 -23.16
CA LYS B 65 21.58 25.12 -22.49
C LYS B 65 21.29 23.63 -22.43
N GLU B 66 21.58 22.90 -23.50
CA GLU B 66 21.40 21.44 -23.47
C GLU B 66 22.31 20.80 -22.43
N ARG B 67 23.45 21.43 -22.15
CA ARG B 67 24.42 20.89 -21.18
C ARG B 67 23.98 21.15 -19.75
N GLU B 68 23.47 22.35 -19.49
CA GLU B 68 22.97 22.66 -18.17
C GLU B 68 21.77 21.76 -17.80
N GLU B 69 20.92 21.45 -18.78
CA GLU B 69 19.75 20.61 -18.52
C GLU B 69 20.13 19.15 -18.35
N SER B 70 21.07 18.68 -19.18
CA SER B 70 21.64 17.37 -19.03
C SER B 70 22.25 17.18 -17.64
N ARG B 71 22.98 18.17 -17.18
CA ARG B 71 23.56 18.15 -15.85
C ARG B 71 22.51 17.99 -14.76
N ARG B 72 21.46 18.81 -14.84
CA ARG B 72 20.37 18.77 -13.88
C ARG B 72 19.62 17.41 -13.90
N GLU B 73 19.51 16.81 -15.08
CA GLU B 73 18.88 15.50 -15.22
C GLU B 73 19.72 14.41 -14.59
N VAL B 74 21.05 14.45 -14.80
CA VAL B 74 21.93 13.42 -14.23
C VAL B 74 21.87 13.49 -12.70
N ALA B 75 21.86 14.69 -12.13
CA ALA B 75 21.75 14.84 -10.69
C ALA B 75 20.48 14.15 -10.17
N VAL B 76 19.37 14.34 -10.86
CA VAL B 76 18.13 13.67 -10.48
C VAL B 76 18.23 12.16 -10.59
N LEU B 77 18.75 11.68 -11.72
CA LEU B 77 19.03 10.25 -11.93
C LEU B 77 19.88 9.73 -10.80
N ALA B 78 20.90 10.51 -10.44
CA ALA B 78 21.90 10.07 -9.48
C ALA B 78 21.31 9.95 -8.07
N ASN B 79 20.27 10.74 -7.77
CA ASN B 79 19.63 10.70 -6.45
C ASN B 79 18.40 9.80 -6.33
N MET B 80 17.94 9.22 -7.42
CA MET B 80 16.73 8.40 -7.39
C MET B 80 17.07 7.06 -6.73
N LYS B 81 16.27 6.63 -5.75
CA LYS B 81 16.46 5.34 -5.12
C LYS B 81 15.11 4.72 -4.78
N HIS B 82 14.83 3.57 -5.41
CA HIS B 82 13.59 2.86 -5.18
C HIS B 82 13.79 1.43 -5.61
N PRO B 83 13.21 0.46 -4.86
CA PRO B 83 13.39 -0.94 -5.24
C PRO B 83 12.89 -1.32 -6.64
N ASN B 84 11.97 -0.55 -7.23
CA ASN B 84 11.44 -0.83 -8.58
C ASN B 84 11.92 0.16 -9.66
N ILE B 85 13.05 0.81 -9.40
CA ILE B 85 13.73 1.66 -10.37
C ILE B 85 15.14 1.12 -10.52
N VAL B 86 15.60 0.92 -11.76
CA VAL B 86 16.97 0.47 -12.02
C VAL B 86 17.96 1.38 -11.27
N GLN B 87 18.87 0.79 -10.51
CA GLN B 87 19.80 1.54 -9.68
C GLN B 87 20.95 2.17 -10.51
N TYR B 88 21.06 3.48 -10.41
CA TYR B 88 22.20 4.22 -10.87
C TYR B 88 23.47 3.85 -10.08
N ARG B 89 24.59 3.70 -10.78
CA ARG B 89 25.85 3.38 -10.12
C ARG B 89 26.76 4.61 -10.10
N GLU B 90 27.10 5.13 -11.28
CA GLU B 90 27.96 6.30 -11.36
C GLU B 90 27.86 6.87 -12.75
N SER B 91 28.46 8.02 -12.95
CA SER B 91 28.63 8.53 -14.29
C SER B 91 30.06 9.02 -14.46
N PHE B 92 30.50 9.05 -15.71
CA PHE B 92 31.77 9.62 -16.06
C PHE B 92 31.71 10.34 -17.39
N GLU B 93 32.61 11.29 -17.58
CA GLU B 93 32.71 12.02 -18.82
C GLU B 93 34.14 11.97 -19.32
N GLU B 94 34.27 11.72 -20.63
CA GLU B 94 35.56 11.66 -21.32
C GLU B 94 35.31 11.65 -22.82
N ASN B 95 36.29 12.14 -23.60
CA ASN B 95 36.28 12.00 -25.06
C ASN B 95 35.06 12.60 -25.74
N GLY B 96 34.51 13.66 -25.16
CA GLY B 96 33.32 14.30 -25.69
C GLY B 96 31.98 13.62 -25.39
N SER B 97 31.98 12.57 -24.58
CA SER B 97 30.74 11.94 -24.16
C SER B 97 30.49 11.89 -22.63
N LEU B 98 29.22 11.73 -22.29
CA LEU B 98 28.75 11.44 -20.93
C LEU B 98 28.40 9.97 -20.92
N TYR B 99 28.76 9.25 -19.86
CA TYR B 99 28.43 7.85 -19.73
C TYR B 99 27.76 7.63 -18.39
N ILE B 100 26.59 6.98 -18.40
CA ILE B 100 25.84 6.73 -17.18
C ILE B 100 25.86 5.25 -16.97
N VAL B 101 26.34 4.84 -15.81
CA VAL B 101 26.48 3.46 -15.47
C VAL B 101 25.30 3.05 -14.60
N MET B 102 24.57 2.03 -15.06
CA MET B 102 23.43 1.54 -14.28
CA MET B 102 23.33 1.51 -14.48
C MET B 102 23.54 0.05 -14.13
N ASP B 103 22.82 -0.47 -13.15
CA ASP B 103 22.81 -1.91 -12.90
C ASP B 103 22.16 -2.62 -14.08
N TYR B 104 22.50 -3.90 -14.24
CA TYR B 104 21.97 -4.71 -15.31
C TYR B 104 20.92 -5.65 -14.75
N CYS B 105 19.73 -5.56 -15.31
CA CYS B 105 18.62 -6.43 -14.97
C CYS B 105 18.68 -7.68 -15.82
N GLU B 106 19.08 -8.78 -15.20
CA GLU B 106 19.40 -10.03 -15.91
C GLU B 106 18.19 -10.69 -16.58
N GLY B 107 16.98 -10.35 -16.16
CA GLY B 107 15.80 -10.89 -16.82
C GLY B 107 15.44 -10.26 -18.16
N GLY B 108 16.15 -9.19 -18.55
CA GLY B 108 15.80 -8.47 -19.80
C GLY B 108 14.53 -7.65 -19.69
N ASP B 109 14.06 -7.11 -20.80
CA ASP B 109 12.97 -6.13 -20.77
C ASP B 109 11.61 -6.77 -20.97
N LEU B 110 10.56 -6.02 -20.63
CA LEU B 110 9.19 -6.51 -20.78
C LEU B 110 8.81 -6.73 -22.24
N PHE B 111 9.42 -5.96 -23.15
CA PHE B 111 9.16 -6.12 -24.59
C PHE B 111 9.49 -7.54 -25.03
N LYS B 112 10.67 -8.03 -24.66
CA LYS B 112 11.08 -9.39 -25.01
C LYS B 112 10.22 -10.40 -24.30
N ARG B 113 9.92 -10.16 -23.02
CA ARG B 113 9.07 -11.05 -22.25
C ARG B 113 7.70 -11.22 -22.90
N ILE B 114 7.12 -10.12 -23.36
CA ILE B 114 5.85 -10.16 -24.05
C ILE B 114 5.95 -11.02 -25.32
N ASN B 115 6.98 -10.77 -26.15
CA ASN B 115 7.13 -11.52 -27.40
C ASN B 115 7.40 -13.01 -27.12
N ALA B 116 8.03 -13.29 -26.00
CA ALA B 116 8.36 -14.66 -25.62
C ALA B 116 7.10 -15.50 -25.40
N GLN B 117 5.98 -14.86 -25.08
CA GLN B 117 4.70 -15.55 -24.95
C GLN B 117 4.23 -16.24 -26.25
N LYS B 118 4.69 -15.73 -27.39
CA LYS B 118 4.29 -16.21 -28.71
C LYS B 118 2.77 -16.29 -28.83
N GLY B 119 2.08 -15.26 -28.36
CA GLY B 119 0.63 -15.18 -28.45
C GLY B 119 -0.17 -15.73 -27.29
N VAL B 120 0.45 -16.42 -26.35
CA VAL B 120 -0.28 -16.94 -25.18
C VAL B 120 -0.48 -15.81 -24.14
N LEU B 121 -1.74 -15.43 -23.91
CA LEU B 121 -2.04 -14.36 -22.97
C LEU B 121 -1.53 -14.69 -21.56
N PHE B 122 -1.10 -13.65 -20.83
CA PHE B 122 -0.65 -13.79 -19.44
C PHE B 122 -1.84 -13.99 -18.52
N GLN B 123 -1.63 -14.69 -17.40
CA GLN B 123 -2.60 -14.72 -16.31
C GLN B 123 -2.76 -13.30 -15.71
N GLU B 124 -4.00 -12.92 -15.39
CA GLU B 124 -4.30 -11.64 -14.79
C GLU B 124 -3.49 -11.34 -13.50
N ASP B 125 -3.28 -12.37 -12.67
CA ASP B 125 -2.48 -12.18 -11.46
C ASP B 125 -1.06 -11.75 -11.76
N GLN B 126 -0.47 -12.32 -12.80
CA GLN B 126 0.88 -11.97 -13.23
C GLN B 126 0.93 -10.55 -13.79
N ILE B 127 -0.04 -10.17 -14.62
CA ILE B 127 -0.15 -8.84 -15.15
C ILE B 127 -0.17 -7.80 -14.02
N LEU B 128 -1.06 -8.03 -13.05
CA LEU B 128 -1.28 -7.07 -11.99
C LEU B 128 -0.08 -6.99 -11.05
N ASP B 129 0.61 -8.10 -10.84
CA ASP B 129 1.79 -8.09 -9.97
C ASP B 129 2.94 -7.27 -10.58
N TRP B 130 3.08 -7.37 -11.89
CA TRP B 130 4.03 -6.54 -12.60
C TRP B 130 3.58 -5.13 -12.62
N PHE B 131 2.31 -4.93 -12.95
CA PHE B 131 1.80 -3.58 -13.10
C PHE B 131 1.92 -2.76 -11.81
N VAL B 132 1.64 -3.39 -10.67
CA VAL B 132 1.69 -2.68 -9.42
C VAL B 132 3.10 -2.13 -9.15
N GLN B 133 4.11 -2.92 -9.50
CA GLN B 133 5.50 -2.52 -9.31
C GLN B 133 5.87 -1.33 -10.18
N ILE B 134 5.36 -1.32 -11.42
CA ILE B 134 5.56 -0.21 -12.32
C ILE B 134 4.92 1.04 -11.72
N CYS B 135 3.66 0.92 -11.27
CA CYS B 135 2.98 2.01 -10.60
C CYS B 135 3.72 2.55 -9.38
N LEU B 136 4.31 1.67 -8.59
CA LEU B 136 5.08 2.10 -7.42
C LEU B 136 6.31 2.91 -7.81
N ALA B 137 6.98 2.46 -8.87
CA ALA B 137 8.13 3.19 -9.47
C ALA B 137 7.71 4.56 -9.90
N LEU B 138 6.60 4.61 -10.66
CA LEU B 138 6.11 5.88 -11.18
C LEU B 138 5.54 6.81 -10.10
N LYS B 139 4.94 6.24 -9.06
CA LYS B 139 4.51 7.04 -7.91
C LYS B 139 5.70 7.79 -7.35
N HIS B 140 6.80 7.07 -7.16
CA HIS B 140 8.01 7.65 -6.58
C HIS B 140 8.53 8.78 -7.40
N VAL B 141 8.50 8.62 -8.72
CA VAL B 141 8.97 9.65 -9.63
C VAL B 141 8.01 10.83 -9.63
N HIS B 142 6.71 10.55 -9.78
CA HIS B 142 5.72 11.63 -9.87
C HIS B 142 5.52 12.38 -8.59
N ASP B 143 5.66 11.72 -7.45
CA ASP B 143 5.54 12.42 -6.14
C ASP B 143 6.54 13.57 -6.06
N ARG B 144 7.69 13.42 -6.73
CA ARG B 144 8.73 14.43 -6.71
C ARG B 144 8.57 15.45 -7.83
N LYS B 145 7.44 15.40 -8.52
CA LYS B 145 7.13 16.32 -9.61
C LYS B 145 8.10 16.14 -10.81
N ILE B 146 8.52 14.89 -11.02
CA ILE B 146 9.39 14.50 -12.10
C ILE B 146 8.57 13.72 -13.13
N LEU B 147 8.84 13.98 -14.41
CA LEU B 147 8.21 13.29 -15.51
C LEU B 147 9.09 12.16 -15.99
N HIS B 148 8.50 11.22 -16.70
CA HIS B 148 9.28 10.14 -17.28
C HIS B 148 8.91 9.99 -18.73
N ARG B 149 9.80 10.40 -19.63
CA ARG B 149 9.53 10.37 -21.08
C ARG B 149 9.59 8.97 -21.67
N ASP B 150 10.03 7.99 -20.90
CA ASP B 150 10.23 6.65 -21.42
C ASP B 150 9.56 5.53 -20.65
N ILE B 151 8.27 5.67 -20.43
CA ILE B 151 7.50 4.58 -19.86
C ILE B 151 7.14 3.72 -21.05
N LYS B 152 7.89 2.64 -21.24
CA LYS B 152 7.74 1.76 -22.40
C LYS B 152 8.20 0.37 -22.00
N SER B 153 7.65 -0.65 -22.63
CA SER B 153 8.03 -2.03 -22.33
C SER B 153 9.51 -2.31 -22.59
N GLN B 154 10.08 -1.65 -23.57
CA GLN B 154 11.51 -1.75 -23.83
C GLN B 154 12.36 -1.11 -22.69
N ASN B 155 11.74 -0.29 -21.84
CA ASN B 155 12.45 0.36 -20.74
C ASN B 155 11.96 -0.06 -19.36
N ILE B 156 11.37 -1.23 -19.28
CA ILE B 156 10.96 -1.83 -18.02
C ILE B 156 11.55 -3.22 -18.03
N PHE B 157 12.18 -3.61 -16.92
CA PHE B 157 13.02 -4.79 -16.88
C PHE B 157 12.68 -5.72 -15.71
N LEU B 158 13.15 -6.96 -15.84
CA LEU B 158 13.03 -7.96 -14.80
C LEU B 158 14.40 -8.27 -14.24
N THR B 159 14.51 -8.34 -12.90
CA THR B 159 15.77 -8.71 -12.25
C THR B 159 15.85 -10.23 -12.22
N LYS B 160 16.96 -10.77 -11.72
CA LYS B 160 17.13 -12.22 -11.60
C LYS B 160 16.04 -12.88 -10.75
N ASP B 161 15.56 -12.21 -9.70
CA ASP B 161 14.52 -12.81 -8.90
C ASP B 161 13.09 -12.41 -9.32
N GLY B 162 12.92 -11.81 -10.49
CA GLY B 162 11.57 -11.50 -11.01
C GLY B 162 10.96 -10.16 -10.62
N THR B 163 11.71 -9.30 -9.94
CA THR B 163 11.26 -7.96 -9.59
C THR B 163 11.23 -7.11 -10.86
N VAL B 164 10.21 -6.28 -10.98
CA VAL B 164 10.10 -5.38 -12.10
C VAL B 164 10.76 -4.05 -11.73
N GLN B 165 11.57 -3.53 -12.66
CA GLN B 165 12.19 -2.23 -12.49
C GLN B 165 12.03 -1.34 -13.69
N LEU B 166 11.52 -0.14 -13.43
CA LEU B 166 11.44 0.91 -14.43
C LEU B 166 12.84 1.50 -14.62
N GLY B 167 13.28 1.58 -15.88
CA GLY B 167 14.53 2.22 -16.23
C GLY B 167 14.50 3.64 -15.74
N ASP B 168 15.60 4.07 -15.10
CA ASP B 168 15.68 5.44 -14.56
CA ASP B 168 15.74 5.44 -14.54
C ASP B 168 15.92 6.39 -15.71
N PHE B 169 16.66 5.95 -16.71
CA PHE B 169 16.90 6.76 -17.88
C PHE B 169 15.62 7.15 -18.62
N GLY B 170 15.47 8.44 -18.92
CA GLY B 170 14.23 9.00 -19.42
C GLY B 170 13.52 9.92 -18.42
N ILE B 171 13.88 9.90 -17.14
CA ILE B 171 13.30 10.90 -16.25
C ILE B 171 13.68 12.29 -16.78
N ALA B 172 12.79 13.25 -16.58
CA ALA B 172 12.98 14.59 -17.11
C ALA B 172 12.32 15.59 -16.18
N ARG B 173 12.91 16.77 -16.10
CA ARG B 173 12.39 17.86 -15.27
C ARG B 173 11.33 18.65 -16.03
N VAL B 174 11.34 18.52 -17.35
CA VAL B 174 10.40 19.21 -18.24
C VAL B 174 10.56 18.58 -19.61
N LEU B 175 9.50 18.63 -20.43
CA LEU B 175 9.58 18.08 -21.78
C LEU B 175 8.92 19.02 -22.78
N ASN B 176 9.48 19.02 -23.98
CA ASN B 176 8.99 19.81 -25.10
C ASN B 176 8.18 18.86 -25.98
N SER B 177 6.95 19.26 -26.22
CA SER B 177 5.99 18.43 -26.92
C SER B 177 6.42 18.14 -28.39
N THR B 178 6.96 19.16 -29.06
CA THR B 178 7.50 18.99 -30.45
C THR B 178 8.67 18.03 -30.50
N VAL B 179 9.60 18.16 -29.56
CA VAL B 179 10.73 17.26 -29.49
C VAL B 179 10.27 15.83 -29.24
N GLU B 180 9.31 15.62 -28.33
CA GLU B 180 8.83 14.27 -28.04
C GLU B 180 8.09 13.67 -29.24
N LEU B 181 7.32 14.49 -29.95
CA LEU B 181 6.68 14.03 -31.17
C LEU B 181 7.73 13.59 -32.21
N ALA B 182 8.74 14.42 -32.40
CA ALA B 182 9.84 14.12 -33.31
C ALA B 182 10.57 12.83 -32.93
N ARG B 183 10.94 12.71 -31.65
CA ARG B 183 11.64 11.53 -31.13
C ARG B 183 10.84 10.28 -31.42
N ALA B 184 9.53 10.39 -31.32
CA ALA B 184 8.63 9.25 -31.48
C ALA B 184 8.52 8.80 -32.95
N CYS B 185 8.52 9.71 -33.93
CA CYS B 185 8.61 9.28 -35.34
C CYS B 185 9.86 8.43 -35.58
N ILE B 186 10.98 8.92 -35.05
CA ILE B 186 12.26 8.30 -35.32
C ILE B 186 12.45 7.00 -34.54
N GLY B 187 12.05 7.02 -33.26
CA GLY B 187 12.23 5.87 -32.38
C GLY B 187 10.95 5.05 -32.32
N THR B 188 10.33 4.99 -31.14
CA THR B 188 9.07 4.25 -30.97
C THR B 188 7.92 5.23 -30.83
N PRO B 189 6.90 5.14 -31.71
CA PRO B 189 5.76 6.06 -31.65
C PRO B 189 4.54 5.58 -30.84
N TYR B 190 4.59 4.35 -30.35
CA TYR B 190 3.35 3.70 -29.87
C TYR B 190 2.84 4.23 -28.51
N TYR B 191 3.62 5.07 -27.83
CA TYR B 191 3.23 5.56 -26.52
C TYR B 191 2.83 7.03 -26.51
N LEU B 192 2.75 7.62 -27.70
CA LEU B 192 2.35 9.03 -27.83
C LEU B 192 0.94 9.27 -27.29
N SER B 193 0.80 10.29 -26.46
CA SER B 193 -0.49 10.68 -25.91
C SER B 193 -1.15 11.70 -26.84
N PRO B 194 -2.49 11.80 -26.76
CA PRO B 194 -3.20 12.74 -27.63
C PRO B 194 -2.65 14.16 -27.56
N GLU B 195 -2.37 14.61 -26.34
CA GLU B 195 -1.94 16.00 -26.13
C GLU B 195 -0.64 16.31 -26.84
N ILE B 196 0.27 15.35 -26.87
CA ILE B 196 1.56 15.57 -27.51
C ILE B 196 1.33 15.62 -29.03
N CYS B 197 0.42 14.79 -29.52
CA CYS B 197 0.07 14.78 -30.95
C CYS B 197 -0.52 16.12 -31.39
N GLU B 198 -1.19 16.81 -30.48
CA GLU B 198 -1.77 18.12 -30.78
C GLU B 198 -0.89 19.26 -30.29
N ASN B 199 0.36 18.96 -29.98
CA ASN B 199 1.30 19.97 -29.53
C ASN B 199 0.84 20.75 -28.30
N LYS B 200 0.16 20.07 -27.38
CA LYS B 200 -0.21 20.67 -26.11
C LYS B 200 0.84 20.23 -25.08
N PRO B 201 0.81 20.83 -23.88
CA PRO B 201 1.93 20.58 -22.96
C PRO B 201 2.01 19.14 -22.44
N TYR B 202 3.21 18.62 -22.35
CA TYR B 202 3.49 17.31 -21.73
C TYR B 202 3.27 17.45 -20.22
N ASN B 203 2.57 16.47 -19.62
CA ASN B 203 2.26 16.53 -18.21
C ASN B 203 2.26 15.17 -17.55
N ASN B 204 2.03 15.14 -16.24
CA ASN B 204 2.10 13.88 -15.51
C ASN B 204 1.11 12.85 -16.09
N LYS B 205 -0.03 13.32 -16.60
CA LYS B 205 -1.02 12.43 -17.16
C LYS B 205 -0.61 11.90 -18.54
N SER B 206 0.33 12.56 -19.23
CA SER B 206 0.93 11.99 -20.45
C SER B 206 1.69 10.73 -20.07
N ASP B 207 2.34 10.73 -18.90
CA ASP B 207 2.97 9.50 -18.40
C ASP B 207 1.94 8.41 -18.12
N ILE B 208 0.77 8.80 -17.63
CA ILE B 208 -0.28 7.83 -17.28
C ILE B 208 -0.81 7.18 -18.54
N TRP B 209 -0.93 7.95 -19.62
CA TRP B 209 -1.25 7.38 -20.95
C TRP B 209 -0.26 6.33 -21.34
N ALA B 210 1.01 6.66 -21.22
CA ALA B 210 2.07 5.71 -21.55
C ALA B 210 2.02 4.48 -20.67
N LEU B 211 1.71 4.67 -19.38
CA LEU B 211 1.51 3.56 -18.46
C LEU B 211 0.37 2.64 -18.94
N GLY B 212 -0.70 3.25 -19.40
CA GLY B 212 -1.82 2.53 -20.01
C GLY B 212 -1.40 1.71 -21.21
N CYS B 213 -0.54 2.28 -22.05
CA CYS B 213 -0.03 1.52 -23.22
C CYS B 213 0.71 0.30 -22.78
N VAL B 214 1.48 0.41 -21.69
CA VAL B 214 2.22 -0.75 -21.19
C VAL B 214 1.26 -1.82 -20.68
N LEU B 215 0.26 -1.41 -19.91
CA LEU B 215 -0.74 -2.34 -19.36
C LEU B 215 -1.47 -3.04 -20.48
N TYR B 216 -1.83 -2.28 -21.50
CA TYR B 216 -2.49 -2.85 -22.69
C TYR B 216 -1.61 -3.89 -23.39
N GLU B 217 -0.32 -3.60 -23.50
CA GLU B 217 0.61 -4.58 -24.01
C GLU B 217 0.66 -5.86 -23.21
N LEU B 218 0.64 -5.75 -21.87
CA LEU B 218 0.65 -6.92 -21.02
C LEU B 218 -0.66 -7.72 -21.14
N CYS B 219 -1.75 -7.04 -21.41
CA CYS B 219 -3.07 -7.66 -21.55
C CYS B 219 -3.32 -8.33 -22.88
N THR B 220 -2.72 -7.80 -23.94
CA THR B 220 -3.01 -8.25 -25.31
C THR B 220 -1.80 -8.73 -26.10
N LEU B 221 -0.60 -8.49 -25.58
CA LEU B 221 0.64 -8.74 -26.31
C LEU B 221 0.80 -7.90 -27.58
N LYS B 222 -0.03 -6.88 -27.77
CA LYS B 222 0.08 -5.97 -28.90
C LYS B 222 0.06 -4.53 -28.42
N HIS B 223 0.45 -3.60 -29.27
CA HIS B 223 0.27 -2.18 -28.98
C HIS B 223 -1.17 -1.80 -29.18
N ALA B 224 -1.63 -0.82 -28.41
CA ALA B 224 -3.02 -0.38 -28.47
C ALA B 224 -3.31 0.42 -29.74
N PHE B 225 -2.36 1.26 -30.12
CA PHE B 225 -2.54 2.13 -31.26
C PHE B 225 -1.51 1.76 -32.31
N GLU B 226 -2.01 1.29 -33.44
CA GLU B 226 -1.19 0.89 -34.56
C GLU B 226 -1.88 1.39 -35.82
N ALA B 227 -1.09 1.64 -36.84
CA ALA B 227 -1.60 2.08 -38.14
C ALA B 227 -0.52 1.86 -39.19
N GLY B 228 -0.93 1.92 -40.45
CA GLY B 228 -0.02 1.72 -41.57
C GLY B 228 0.89 2.92 -41.84
N SER B 229 0.60 4.05 -41.20
CA SER B 229 1.45 5.23 -41.35
C SER B 229 1.51 6.07 -40.08
N MET B 230 2.63 6.77 -39.93
CA MET B 230 2.84 7.67 -38.81
C MET B 230 1.72 8.72 -38.71
N LYS B 231 1.30 9.26 -39.85
CA LYS B 231 0.26 10.29 -39.84
C LYS B 231 -1.07 9.72 -39.37
N ASN B 232 -1.38 8.49 -39.77
CA ASN B 232 -2.64 7.89 -39.34
C ASN B 232 -2.58 7.31 -37.92
N LEU B 233 -1.39 6.92 -37.45
CA LEU B 233 -1.22 6.56 -36.04
C LEU B 233 -1.58 7.77 -35.16
N VAL B 234 -1.02 8.93 -35.48
CA VAL B 234 -1.33 10.19 -34.81
C VAL B 234 -2.86 10.44 -34.74
N LEU B 235 -3.55 10.24 -35.86
CA LEU B 235 -5.00 10.49 -35.90
C LEU B 235 -5.78 9.47 -35.08
N LYS B 236 -5.29 8.24 -35.06
CA LYS B 236 -5.93 7.16 -34.30
C LYS B 236 -5.76 7.37 -32.77
N ILE B 237 -4.59 7.90 -32.38
CA ILE B 237 -4.32 8.22 -30.98
C ILE B 237 -5.24 9.34 -30.51
N ILE B 238 -5.32 10.40 -31.31
CA ILE B 238 -6.21 11.52 -31.00
C ILE B 238 -7.67 11.06 -30.87
N SER B 239 -8.09 10.14 -31.72
CA SER B 239 -9.47 9.64 -31.69
C SER B 239 -9.73 8.81 -30.43
N GLY B 240 -8.68 8.21 -29.86
CA GLY B 240 -8.79 7.45 -28.63
C GLY B 240 -9.38 6.07 -28.83
N SER B 241 -9.43 5.62 -30.08
CA SER B 241 -10.11 4.39 -30.45
C SER B 241 -9.14 3.23 -30.59
N PHE B 242 -9.33 2.17 -29.81
CA PHE B 242 -8.41 1.04 -29.79
C PHE B 242 -9.15 -0.28 -29.64
N PRO B 243 -8.56 -1.39 -30.12
CA PRO B 243 -9.16 -2.70 -29.96
C PRO B 243 -9.33 -3.14 -28.51
N PRO B 244 -10.58 -3.46 -28.10
CA PRO B 244 -10.83 -3.85 -26.71
C PRO B 244 -10.00 -5.03 -26.23
N VAL B 245 -9.67 -5.01 -24.95
CA VAL B 245 -8.97 -6.09 -24.30
C VAL B 245 -9.88 -7.32 -24.15
N SER B 246 -9.30 -8.52 -24.13
CA SER B 246 -10.09 -9.74 -23.99
C SER B 246 -11.00 -9.65 -22.78
N LEU B 247 -12.27 -9.99 -22.97
CA LEU B 247 -13.26 -9.96 -21.90
C LEU B 247 -13.02 -11.04 -20.86
N HIS B 248 -12.10 -11.97 -21.16
CA HIS B 248 -11.51 -12.86 -20.17
C HIS B 248 -11.02 -12.16 -18.93
N TYR B 249 -10.51 -10.94 -19.09
CA TYR B 249 -9.96 -10.20 -17.93
C TYR B 249 -11.06 -9.54 -17.13
N SER B 250 -10.83 -9.34 -15.83
CA SER B 250 -11.83 -8.79 -14.94
C SER B 250 -12.32 -7.43 -15.39
N TYR B 251 -13.51 -7.05 -14.92
CA TYR B 251 -14.06 -5.74 -15.19
C TYR B 251 -13.21 -4.62 -14.53
N ASP B 252 -12.64 -4.91 -13.36
CA ASP B 252 -11.72 -3.99 -12.70
C ASP B 252 -10.56 -3.62 -13.64
N LEU B 253 -9.94 -4.64 -14.22
CA LEU B 253 -8.78 -4.43 -15.12
C LEU B 253 -9.16 -3.73 -16.42
N ARG B 254 -10.21 -4.22 -17.07
CA ARG B 254 -10.62 -3.62 -18.35
C ARG B 254 -11.03 -2.18 -18.10
N SER B 255 -11.74 -1.96 -17.01
CA SER B 255 -12.18 -0.63 -16.64
C SER B 255 -10.99 0.33 -16.42
N LEU B 256 -9.93 -0.16 -15.79
CA LEU B 256 -8.72 0.66 -15.54
C LEU B 256 -8.06 1.06 -16.85
N VAL B 257 -7.90 0.09 -17.74
CA VAL B 257 -7.34 0.34 -19.06
C VAL B 257 -8.05 1.52 -19.73
N SER B 258 -9.37 1.48 -19.68
CA SER B 258 -10.21 2.49 -20.29
C SER B 258 -10.02 3.87 -19.66
N GLN B 259 -9.83 3.90 -18.34
CA GLN B 259 -9.58 5.14 -17.61
CA GLN B 259 -9.60 5.16 -17.66
C GLN B 259 -8.25 5.76 -18.05
N LEU B 260 -7.26 4.90 -18.22
CA LEU B 260 -5.90 5.35 -18.58
C LEU B 260 -5.84 5.94 -19.98
N PHE B 261 -6.75 5.52 -20.86
CA PHE B 261 -6.82 6.05 -22.22
C PHE B 261 -7.90 7.11 -22.41
N LYS B 262 -8.33 7.78 -21.36
CA LYS B 262 -9.20 8.94 -21.55
C LYS B 262 -8.46 10.01 -22.37
N ARG B 263 -9.16 10.63 -23.32
CA ARG B 263 -8.58 11.60 -24.25
C ARG B 263 -8.06 12.85 -23.58
N ASN B 264 -8.78 13.37 -22.57
CA ASN B 264 -8.35 14.53 -21.80
C ASN B 264 -7.47 14.11 -20.63
N PRO B 265 -6.23 14.63 -20.57
CA PRO B 265 -5.31 14.18 -19.52
C PRO B 265 -5.92 14.24 -18.10
N ARG B 266 -6.65 15.29 -17.80
CA ARG B 266 -7.18 15.45 -16.45
CA ARG B 266 -7.23 15.50 -16.48
C ARG B 266 -8.31 14.48 -16.12
N ASP B 267 -8.81 13.75 -17.11
CA ASP B 267 -9.76 12.67 -16.85
C ASP B 267 -9.05 11.36 -16.57
N ARG B 268 -7.74 11.29 -16.75
CA ARG B 268 -7.04 10.05 -16.45
C ARG B 268 -6.73 10.03 -14.95
N PRO B 269 -6.72 8.88 -14.32
CA PRO B 269 -6.42 8.82 -12.88
C PRO B 269 -4.94 9.08 -12.60
N SER B 270 -4.64 9.65 -11.43
CA SER B 270 -3.26 9.79 -10.99
C SER B 270 -2.76 8.41 -10.60
N VAL B 271 -1.44 8.29 -10.51
CA VAL B 271 -0.87 7.00 -10.13
C VAL B 271 -1.28 6.67 -8.68
N ASN B 272 -1.36 7.67 -7.81
CA ASN B 272 -1.86 7.45 -6.43
C ASN B 272 -3.25 6.88 -6.45
N SER B 273 -4.07 7.41 -7.32
CA SER B 273 -5.41 6.95 -7.49
C SER B 273 -5.48 5.52 -8.00
N ILE B 274 -4.59 5.14 -8.91
CA ILE B 274 -4.54 3.78 -9.39
C ILE B 274 -4.22 2.82 -8.23
N LEU B 275 -3.25 3.21 -7.42
CA LEU B 275 -2.74 2.36 -6.33
C LEU B 275 -3.75 2.18 -5.16
N GLU B 276 -4.67 3.12 -5.01
CA GLU B 276 -5.79 3.01 -4.05
C GLU B 276 -6.95 2.11 -4.49
N LYS B 277 -6.99 1.70 -5.76
CA LYS B 277 -7.98 0.74 -6.19
C LYS B 277 -7.72 -0.62 -5.54
N GLY B 278 -8.77 -1.20 -4.97
CA GLY B 278 -8.64 -2.40 -4.13
C GLY B 278 -7.91 -3.57 -4.76
N PHE B 279 -8.26 -3.90 -5.99
CA PHE B 279 -7.64 -5.05 -6.66
C PHE B 279 -6.14 -4.88 -6.92
N ILE B 280 -5.65 -3.64 -6.79
CA ILE B 280 -4.22 -3.32 -6.93
C ILE B 280 -3.61 -3.06 -5.56
N ALA B 281 -4.28 -2.26 -4.74
CA ALA B 281 -3.82 -1.95 -3.37
C ALA B 281 -3.40 -3.18 -2.58
N LYS B 282 -4.20 -4.23 -2.68
CA LYS B 282 -3.96 -5.44 -1.90
C LYS B 282 -2.63 -6.11 -2.24
N ARG B 283 -2.01 -5.72 -3.34
CA ARG B 283 -0.75 -6.33 -3.78
C ARG B 283 0.51 -5.59 -3.30
N ILE B 284 0.35 -4.34 -2.88
CA ILE B 284 1.50 -3.47 -2.59
C ILE B 284 2.44 -4.08 -1.54
N GLU B 285 1.84 -4.70 -0.55
CA GLU B 285 2.58 -5.26 0.58
C GLU B 285 3.49 -6.40 0.19
N LYS B 286 3.21 -7.06 -0.92
CA LYS B 286 4.15 -8.05 -1.47
C LYS B 286 5.49 -7.43 -1.91
N PHE B 287 5.53 -6.11 -2.13
CA PHE B 287 6.69 -5.52 -2.82
C PHE B 287 7.44 -4.44 -2.07
N LEU B 288 6.77 -3.78 -1.12
CA LEU B 288 7.43 -2.76 -0.30
C LEU B 288 7.38 -3.18 1.16
N SER B 289 8.45 -2.86 1.87
CA SER B 289 8.52 -3.02 3.30
C SER B 289 7.59 -2.02 3.98
N PRO B 290 7.21 -2.31 5.24
CA PRO B 290 6.37 -1.39 5.98
C PRO B 290 6.97 0.00 6.05
N GLN B 291 8.28 0.10 6.24
CA GLN B 291 8.91 1.41 6.33
C GLN B 291 8.75 2.22 5.04
N LEU B 292 8.98 1.58 3.90
CA LEU B 292 8.83 2.24 2.61
C LEU B 292 7.36 2.61 2.35
N ILE B 293 6.43 1.72 2.72
CA ILE B 293 5.02 2.02 2.54
C ILE B 293 4.65 3.25 3.34
N ALA B 294 5.09 3.30 4.60
CA ALA B 294 4.81 4.48 5.44
C ALA B 294 5.41 5.75 4.85
N GLU B 295 6.65 5.67 4.42
CA GLU B 295 7.34 6.82 3.82
C GLU B 295 6.70 7.27 2.49
N GLU B 296 6.47 6.33 1.57
CA GLU B 296 5.96 6.65 0.23
C GLU B 296 4.54 7.20 0.28
N PHE B 297 3.70 6.60 1.13
CA PHE B 297 2.25 6.86 1.09
C PHE B 297 1.75 7.80 2.16
N CYS B 298 2.49 7.94 3.25
CA CYS B 298 1.95 8.63 4.40
C CYS B 298 2.87 9.82 4.89
N LEU B 299 4.16 9.59 5.05
CA LEU B 299 5.05 10.49 5.80
C LEU B 299 5.82 11.51 4.96
N LYS B 300 6.42 11.09 3.85
CA LYS B 300 7.15 12.02 2.96
C LYS B 300 6.22 12.70 1.96
N THR B 301 6.12 14.01 2.08
CA THR B 301 5.28 14.81 1.18
C THR B 301 6.12 15.74 0.31
N PHE B 302 5.64 16.02 -0.90
CA PHE B 302 6.33 16.93 -1.82
C PHE B 302 5.32 17.86 -2.42
N SER B 303 5.79 19.00 -2.91
CA SER B 303 4.91 20.02 -3.46
C SER B 303 5.64 20.79 -4.53
N LYS B 304 4.89 21.43 -5.41
CA LYS B 304 5.43 22.40 -6.35
C LYS B 304 5.85 23.70 -5.65
N PHE B 305 5.45 23.87 -4.39
CA PHE B 305 6.03 24.89 -3.51
C PHE B 305 7.22 24.32 -2.76
N GLY B 306 8.30 25.11 -2.67
CA GLY B 306 9.52 24.73 -1.96
C GLY B 306 9.68 25.54 -0.69
#